data_8JKA
#
_entry.id   8JKA
#
_cell.length_a   69.557
_cell.length_b   69.557
_cell.length_c   88.539
_cell.angle_alpha   90.00
_cell.angle_beta   90.00
_cell.angle_gamma   120.00
#
_symmetry.space_group_name_H-M   'P 32 2 1'
#
loop_
_entity.id
_entity.type
_entity.pdbx_description
1 polymer "bis(5'-nucleosyl)-tetraphosphatase (symmetrical)"
2 non-polymer 'SULFATE ION'
3 non-polymer 'FE (III) ION'
4 non-polymer 'ADENOSINE MONOPHOSPHATE'
5 water water
#
_entity_poly.entity_id   1
_entity_poly.type   'polypeptide(L)'
_entity_poly.pdbx_seq_one_letter_code
;MSYQDYINCSREALLEKMAELLPEKRLTHCLGVERAAMELAQRFGVDVEKASLAGLLHDYAKKLSDQEFLVLIDRYQLDP
DLKNWGNNVWHGMVGIYKIQEDLDLHDSEILRAIEIHTVGAGQMTDLDKVIYVADYIEHNRAFPGVDVAREIASLSLNKA
VAYETARTVEYLAHQGFPIYPQTLETYNAFVHYLKEDLEENLYFQGHHHHHHHHHH
;
_entity_poly.pdbx_strand_id   A
#
# COMPACT_ATOMS: atom_id res chain seq x y z
N SER A 2 -21.34 -0.47 1.52
CA SER A 2 -20.79 -1.53 0.61
C SER A 2 -19.70 -0.93 -0.26
N TYR A 3 -18.96 -1.79 -0.96
CA TYR A 3 -17.87 -1.38 -1.83
C TYR A 3 -18.38 -0.57 -3.03
N GLN A 4 -19.60 -0.89 -3.49
CA GLN A 4 -20.26 -0.19 -4.60
C GLN A 4 -20.44 1.30 -4.29
N ASP A 5 -20.40 1.68 -2.99
CA ASP A 5 -20.34 3.09 -2.53
C ASP A 5 -19.11 3.84 -3.04
N TYR A 6 -18.08 3.08 -3.47
CA TYR A 6 -16.76 3.63 -3.87
C TYR A 6 -16.31 3.23 -5.25
N ILE A 7 -16.58 1.99 -5.65
CA ILE A 7 -16.24 1.49 -6.98
C ILE A 7 -17.52 1.09 -7.77
N ASN A 8 -17.31 0.72 -9.03
CA ASN A 8 -18.39 0.47 -10.00
C ASN A 8 -18.83 -0.99 -10.09
N CYS A 9 -18.44 -1.82 -9.12
CA CYS A 9 -18.86 -3.21 -9.04
C CYS A 9 -18.92 -3.66 -7.59
N SER A 10 -19.30 -4.93 -7.39
CA SER A 10 -19.46 -5.52 -6.07
C SER A 10 -18.11 -6.09 -5.63
N ARG A 11 -17.98 -6.39 -4.34
CA ARG A 11 -16.81 -7.09 -3.83
C ARG A 11 -16.55 -8.38 -4.63
N GLU A 12 -17.58 -9.22 -4.78
CA GLU A 12 -17.49 -10.46 -5.58
C GLU A 12 -16.98 -10.23 -7.02
N ALA A 13 -17.54 -9.23 -7.69
CA ALA A 13 -17.14 -8.89 -9.07
C ALA A 13 -15.70 -8.36 -9.07
N LEU A 14 -15.33 -7.57 -8.05
CA LEU A 14 -13.93 -7.17 -7.90
C LEU A 14 -13.01 -8.38 -7.82
N LEU A 15 -13.36 -9.31 -6.93
CA LEU A 15 -12.54 -10.49 -6.67
C LEU A 15 -12.35 -11.28 -7.96
N GLU A 16 -13.46 -11.50 -8.68
CA GLU A 16 -13.39 -12.12 -10.02
C GLU A 16 -12.42 -11.36 -10.90
N LYS A 17 -12.56 -10.03 -10.99
CA LYS A 17 -11.67 -9.20 -11.83
C LYS A 17 -10.20 -9.31 -11.42
N MET A 18 -9.95 -9.34 -10.11
CA MET A 18 -8.59 -9.34 -9.56
C MET A 18 -7.91 -10.70 -9.76
N ALA A 19 -8.71 -11.77 -9.70
CA ALA A 19 -8.22 -13.14 -9.95
C ALA A 19 -7.67 -13.32 -11.37
N GLU A 20 -8.16 -12.50 -12.31
CA GLU A 20 -7.64 -12.39 -13.68
C GLU A 20 -6.31 -11.65 -13.73
N LEU A 21 -6.22 -10.55 -12.98
CA LEU A 21 -5.09 -9.61 -13.06
C LEU A 21 -3.86 -10.08 -12.33
N LEU A 22 -4.04 -10.96 -11.35
CA LEU A 22 -2.99 -11.36 -10.41
C LEU A 22 -2.88 -12.86 -10.21
N PRO A 23 -1.65 -13.37 -9.96
CA PRO A 23 -1.47 -14.76 -9.51
C PRO A 23 -2.06 -15.00 -8.12
N GLU A 24 -2.33 -16.26 -7.82
CA GLU A 24 -2.99 -16.66 -6.59
C GLU A 24 -2.39 -15.96 -5.36
N LYS A 25 -1.05 -16.03 -5.28
CA LYS A 25 -0.31 -15.60 -4.10
C LYS A 25 -0.56 -14.12 -3.83
N ARG A 26 -0.50 -13.29 -4.89
CA ARG A 26 -0.75 -11.85 -4.81
C ARG A 26 -2.22 -11.52 -4.38
N LEU A 27 -3.19 -12.26 -4.93
CA LEU A 27 -4.60 -12.13 -4.54
C LEU A 27 -4.85 -12.55 -3.09
N THR A 28 -4.32 -13.70 -2.68
CA THR A 28 -4.35 -14.16 -1.27
C THR A 28 -3.77 -13.09 -0.31
N HIS A 29 -2.68 -12.45 -0.75
CA HIS A 29 -2.03 -11.36 -0.01
C HIS A 29 -2.98 -10.18 0.13
N CYS A 30 -3.64 -9.79 -0.97
CA CYS A 30 -4.61 -8.69 -0.95
C CYS A 30 -5.76 -8.96 -0.02
N LEU A 31 -6.24 -10.20 0.02
CA LEU A 31 -7.31 -10.60 0.94
C LEU A 31 -6.83 -10.50 2.39
N GLY A 32 -5.55 -10.89 2.58
CA GLY A 32 -4.83 -10.78 3.84
C GLY A 32 -4.80 -9.32 4.30
N VAL A 33 -4.51 -8.39 3.40
CA VAL A 33 -4.35 -6.98 3.75
C VAL A 33 -5.72 -6.37 4.04
N GLU A 34 -6.73 -6.80 3.28
CA GLU A 34 -8.15 -6.42 3.51
C GLU A 34 -8.56 -6.70 4.96
N ARG A 35 -8.33 -7.94 5.39
CA ARG A 35 -8.61 -8.36 6.76
C ARG A 35 -7.73 -7.58 7.76
N ALA A 36 -6.42 -7.51 7.53
CA ALA A 36 -5.54 -6.83 8.49
C ALA A 36 -5.88 -5.35 8.63
N ALA A 37 -6.22 -4.70 7.50
CA ALA A 37 -6.59 -3.28 7.50
C ALA A 37 -7.87 -3.05 8.32
N MET A 38 -8.81 -3.99 8.24
CA MET A 38 -10.06 -3.92 8.99
C MET A 38 -9.78 -3.91 10.50
N GLU A 39 -8.99 -4.88 10.97
CA GLU A 39 -8.62 -5.00 12.37
C GLU A 39 -7.85 -3.79 12.88
N LEU A 40 -6.92 -3.26 12.07
CA LEU A 40 -6.19 -2.05 12.45
C LEU A 40 -7.08 -0.79 12.44
N ALA A 41 -7.97 -0.70 11.48
CA ALA A 41 -8.89 0.42 11.38
C ALA A 41 -9.75 0.43 12.65
N GLN A 42 -10.24 -0.73 13.09
CA GLN A 42 -11.02 -0.81 14.32
C GLN A 42 -10.22 -0.31 15.52
N ARG A 43 -8.98 -0.76 15.63
CA ARG A 43 -8.17 -0.44 16.80
C ARG A 43 -7.82 1.07 16.84
N PHE A 44 -7.71 1.73 15.69
CA PHE A 44 -7.14 3.08 15.65
C PHE A 44 -8.07 4.13 15.12
N GLY A 45 -9.36 3.80 15.04
CA GLY A 45 -10.37 4.79 14.75
C GLY A 45 -10.35 5.18 13.30
N VAL A 46 -10.16 4.20 12.43
CA VAL A 46 -10.24 4.46 10.97
C VAL A 46 -11.49 3.79 10.44
N ASP A 47 -12.15 4.43 9.47
CA ASP A 47 -13.33 3.87 8.85
C ASP A 47 -12.99 2.47 8.33
N VAL A 48 -13.57 1.41 8.92
CA VAL A 48 -13.20 0.02 8.59
C VAL A 48 -13.39 -0.35 7.11
N GLU A 49 -14.40 0.24 6.49
CA GLU A 49 -14.76 -0.02 5.09
C GLU A 49 -13.75 0.60 4.13
N LYS A 50 -13.35 1.85 4.40
CA LYS A 50 -12.33 2.49 3.57
C LYS A 50 -11.01 1.72 3.67
N ALA A 51 -10.71 1.22 4.88
CA ALA A 51 -9.48 0.49 5.18
C ALA A 51 -9.49 -0.83 4.45
N SER A 52 -10.61 -1.55 4.56
CA SER A 52 -10.77 -2.87 3.92
C SER A 52 -10.59 -2.79 2.42
N LEU A 53 -11.25 -1.82 1.79
CA LEU A 53 -11.23 -1.62 0.35
C LEU A 53 -9.85 -1.18 -0.15
N ALA A 54 -9.22 -0.23 0.54
CA ALA A 54 -7.85 0.14 0.23
C ALA A 54 -6.91 -1.06 0.34
N GLY A 55 -7.10 -1.86 1.39
CA GLY A 55 -6.28 -3.03 1.65
C GLY A 55 -6.36 -4.04 0.53
N LEU A 56 -7.58 -4.26 0.05
CA LEU A 56 -7.79 -5.24 -1.01
C LEU A 56 -7.25 -4.70 -2.32
N LEU A 57 -7.40 -3.39 -2.53
CA LEU A 57 -6.98 -2.78 -3.78
C LEU A 57 -5.50 -2.45 -3.84
N HIS A 58 -4.78 -2.59 -2.72
CA HIS A 58 -3.48 -1.89 -2.65
C HIS A 58 -2.47 -2.34 -3.72
N ASP A 59 -2.46 -3.66 -4.07
CA ASP A 59 -1.53 -4.26 -5.05
C ASP A 59 -2.27 -4.64 -6.35
N TYR A 60 -3.42 -4.02 -6.59
CA TYR A 60 -4.23 -4.24 -7.80
C TYR A 60 -3.36 -4.16 -9.07
N ALA A 61 -2.51 -3.11 -9.15
CA ALA A 61 -1.70 -2.79 -10.34
C ALA A 61 -0.29 -3.41 -10.34
N LYS A 62 -0.09 -4.44 -9.53
CA LYS A 62 1.22 -5.06 -9.32
C LYS A 62 1.88 -5.65 -10.59
N LYS A 63 1.05 -6.05 -11.55
CA LYS A 63 1.50 -6.72 -12.78
C LYS A 63 1.30 -5.91 -14.04
N LEU A 64 0.90 -4.63 -13.95
CA LEU A 64 1.01 -3.76 -15.10
C LEU A 64 2.47 -3.83 -15.59
N SER A 65 2.66 -3.83 -16.90
CA SER A 65 4.00 -3.79 -17.50
C SER A 65 4.62 -2.41 -17.27
N ASP A 66 5.96 -2.37 -17.37
CA ASP A 66 6.70 -1.14 -17.45
C ASP A 66 6.07 -0.20 -18.48
N GLN A 67 5.69 -0.77 -19.63
CA GLN A 67 5.24 0.05 -20.75
C GLN A 67 3.99 0.84 -20.36
N GLU A 68 3.03 0.14 -19.75
CA GLU A 68 1.77 0.74 -19.25
C GLU A 68 1.98 1.85 -18.22
N PHE A 69 2.87 1.59 -17.25
CA PHE A 69 3.25 2.61 -16.24
C PHE A 69 3.81 3.87 -16.90
N LEU A 70 4.75 3.65 -17.83
CA LEU A 70 5.32 4.74 -18.63
C LEU A 70 4.21 5.47 -19.37
N VAL A 71 3.29 4.72 -19.99
CA VAL A 71 2.13 5.34 -20.66
C VAL A 71 1.36 6.24 -19.67
N LEU A 72 1.17 5.71 -18.45
CA LEU A 72 0.37 6.38 -17.42
C LEU A 72 1.02 7.64 -16.88
N ILE A 73 2.36 7.59 -16.78
CA ILE A 73 3.17 8.73 -16.33
C ILE A 73 2.98 9.94 -17.24
N ASP A 74 2.97 9.70 -18.56
CA ASP A 74 2.80 10.74 -19.60
C ASP A 74 1.41 11.32 -19.62
N ARG A 75 0.42 10.42 -19.68
CA ARG A 75 -0.99 10.75 -19.80
C ARG A 75 -1.49 11.61 -18.63
N TYR A 76 -1.05 11.29 -17.42
CA TYR A 76 -1.46 12.03 -16.21
C TYR A 76 -0.44 13.12 -15.79
N GLN A 77 0.57 13.27 -16.67
CA GLN A 77 1.69 14.22 -16.58
C GLN A 77 2.26 14.26 -15.18
N LEU A 78 2.68 13.08 -14.73
CA LEU A 78 3.23 12.87 -13.38
C LEU A 78 4.69 13.31 -13.39
N ASP A 79 5.29 13.38 -12.20
CA ASP A 79 6.71 13.68 -12.01
C ASP A 79 7.54 12.87 -13.00
N PRO A 80 8.24 13.57 -13.94
CA PRO A 80 9.10 12.89 -14.94
C PRO A 80 10.18 12.02 -14.30
N ASP A 81 10.63 12.36 -13.07
CA ASP A 81 11.63 11.53 -12.36
C ASP A 81 11.17 10.07 -12.20
N LEU A 82 9.85 9.84 -12.16
CA LEU A 82 9.29 8.48 -12.01
C LEU A 82 9.77 7.49 -13.03
N LYS A 83 10.11 7.98 -14.23
CA LYS A 83 10.66 7.12 -15.32
C LYS A 83 12.00 6.48 -14.92
N ASN A 84 12.75 7.14 -14.02
CA ASN A 84 14.05 6.63 -13.52
C ASN A 84 13.95 5.45 -12.53
N TRP A 85 12.72 5.03 -12.23
CA TRP A 85 12.42 4.02 -11.20
C TRP A 85 11.81 2.72 -11.78
N GLY A 86 10.96 2.02 -11.00
CA GLY A 86 10.45 0.71 -11.41
C GLY A 86 9.14 0.36 -10.72
N ASN A 87 8.78 -0.92 -10.84
CA ASN A 87 7.53 -1.48 -10.34
C ASN A 87 7.26 -1.15 -8.86
N ASN A 88 8.28 -1.33 -8.01
CA ASN A 88 8.23 -1.06 -6.58
C ASN A 88 7.57 0.30 -6.33
N VAL A 89 8.11 1.34 -6.97
CA VAL A 89 7.58 2.68 -6.83
C VAL A 89 6.21 2.84 -7.55
N TRP A 90 6.06 2.18 -8.71
CA TRP A 90 5.00 2.55 -9.66
C TRP A 90 3.63 1.96 -9.29
N HIS A 91 3.64 0.72 -8.79
CA HIS A 91 2.39 -0.02 -8.61
C HIS A 91 1.41 0.72 -7.69
N GLY A 92 1.94 1.39 -6.65
CA GLY A 92 1.13 2.31 -5.86
C GLY A 92 1.04 3.72 -6.44
N MET A 93 2.20 4.33 -6.70
CA MET A 93 2.29 5.77 -7.04
C MET A 93 1.66 6.10 -8.40
N VAL A 94 1.72 5.14 -9.30
CA VAL A 94 1.17 5.29 -10.66
C VAL A 94 -0.07 4.39 -10.81
N GLY A 95 0.00 3.18 -10.27
CA GLY A 95 -1.11 2.23 -10.29
C GLY A 95 -2.47 2.73 -9.83
N ILE A 96 -2.49 3.77 -9.00
CA ILE A 96 -3.74 4.42 -8.64
C ILE A 96 -4.55 4.93 -9.85
N TYR A 97 -3.86 5.41 -10.90
CA TYR A 97 -4.53 5.86 -12.13
C TYR A 97 -5.22 4.72 -12.88
N LYS A 98 -4.62 3.52 -12.88
CA LYS A 98 -5.25 2.35 -13.47
C LYS A 98 -6.51 1.94 -12.69
N ILE A 99 -6.38 1.88 -11.36
CA ILE A 99 -7.50 1.56 -10.48
C ILE A 99 -8.65 2.53 -10.75
N GLN A 100 -8.35 3.83 -10.87
CA GLN A 100 -9.35 4.88 -11.13
C GLN A 100 -10.05 4.63 -12.48
N GLU A 101 -9.28 4.18 -13.47
CA GLU A 101 -9.77 3.88 -14.80
C GLU A 101 -10.69 2.67 -14.80
N ASP A 102 -10.23 1.57 -14.21
CA ASP A 102 -10.98 0.29 -14.22
C ASP A 102 -12.20 0.24 -13.32
N LEU A 103 -12.16 0.95 -12.21
CA LEU A 103 -13.15 0.80 -11.14
C LEU A 103 -13.87 2.08 -10.78
N ASP A 104 -13.51 3.18 -11.45
CA ASP A 104 -14.15 4.50 -11.25
C ASP A 104 -14.04 4.93 -9.76
N LEU A 105 -12.89 4.62 -9.15
CA LEU A 105 -12.57 5.03 -7.77
C LEU A 105 -12.11 6.48 -7.75
N HIS A 106 -12.80 7.33 -6.98
CA HIS A 106 -12.52 8.75 -6.91
C HIS A 106 -12.33 9.25 -5.48
N ASP A 107 -12.55 8.38 -4.49
CA ASP A 107 -12.35 8.80 -3.10
C ASP A 107 -10.88 9.15 -2.86
N SER A 108 -10.61 10.40 -2.50
CA SER A 108 -9.23 10.88 -2.39
C SER A 108 -8.46 10.16 -1.28
N GLU A 109 -9.13 9.83 -0.17
CA GLU A 109 -8.48 9.17 0.98
C GLU A 109 -7.97 7.74 0.68
N ILE A 110 -8.81 6.93 0.01
CA ILE A 110 -8.44 5.55 -0.42
C ILE A 110 -7.30 5.60 -1.44
N LEU A 111 -7.45 6.46 -2.46
CA LEU A 111 -6.45 6.71 -3.50
C LEU A 111 -5.10 7.09 -2.89
N ARG A 112 -5.09 8.01 -1.93
CA ARG A 112 -3.86 8.40 -1.25
C ARG A 112 -3.24 7.18 -0.50
N ALA A 113 -4.06 6.45 0.26
CA ALA A 113 -3.58 5.25 0.97
C ALA A 113 -2.90 4.25 0.03
N ILE A 114 -3.52 3.97 -1.12
CA ILE A 114 -2.90 3.06 -2.12
C ILE A 114 -1.65 3.72 -2.74
N GLU A 115 -1.73 5.03 -2.97
CA GLU A 115 -0.68 5.77 -3.64
C GLU A 115 0.68 5.54 -2.98
N ILE A 116 0.70 5.64 -1.64
CA ILE A 116 1.94 5.72 -0.87
C ILE A 116 2.08 4.50 0.05
N HIS A 117 1.39 3.41 -0.29
CA HIS A 117 1.46 2.17 0.50
C HIS A 117 2.87 1.56 0.53
N THR A 118 3.67 1.81 -0.50
CA THR A 118 5.01 1.23 -0.54
C THR A 118 6.03 2.13 0.15
N VAL A 119 5.97 3.44 -0.15
CA VAL A 119 7.01 4.43 0.19
C VAL A 119 6.63 5.35 1.37
N GLY A 120 5.33 5.38 1.75
CA GLY A 120 4.82 6.26 2.80
C GLY A 120 4.96 7.71 2.39
N ALA A 121 4.87 8.61 3.36
CA ALA A 121 5.24 10.03 3.22
C ALA A 121 5.54 10.57 4.60
N GLY A 122 6.18 11.74 4.65
CA GLY A 122 6.46 12.46 5.89
C GLY A 122 5.21 12.81 6.66
N GLN A 123 4.13 13.08 5.93
CA GLN A 123 2.78 13.21 6.52
C GLN A 123 1.93 12.08 5.98
N MET A 124 1.43 11.25 6.89
CA MET A 124 0.47 10.19 6.57
C MET A 124 -0.82 10.38 7.39
N THR A 125 -1.98 10.21 6.77
CA THR A 125 -3.26 10.08 7.50
C THR A 125 -3.25 8.73 8.24
N ASP A 126 -4.17 8.55 9.18
CA ASP A 126 -4.28 7.28 9.90
C ASP A 126 -4.68 6.13 8.95
N LEU A 127 -5.51 6.43 7.95
CA LEU A 127 -5.89 5.46 6.91
C LEU A 127 -4.63 5.00 6.13
N ASP A 128 -3.84 5.98 5.70
CA ASP A 128 -2.54 5.72 5.05
C ASP A 128 -1.70 4.75 5.89
N LYS A 129 -1.55 5.06 7.18
CA LYS A 129 -0.74 4.24 8.09
C LYS A 129 -1.28 2.84 8.25
N VAL A 130 -2.60 2.71 8.32
CA VAL A 130 -3.25 1.40 8.46
C VAL A 130 -2.89 0.51 7.27
N ILE A 131 -3.01 1.04 6.05
CA ILE A 131 -2.71 0.29 4.83
C ILE A 131 -1.22 -0.10 4.76
N TYR A 132 -0.35 0.86 5.09
CA TYR A 132 1.10 0.74 5.03
C TYR A 132 1.56 -0.36 5.97
N VAL A 133 0.92 -0.43 7.13
CA VAL A 133 1.22 -1.44 8.16
C VAL A 133 0.53 -2.78 7.87
N ALA A 134 -0.75 -2.72 7.47
CA ALA A 134 -1.52 -3.93 7.17
C ALA A 134 -0.82 -4.78 6.14
N ASP A 135 -0.20 -4.09 5.18
CA ASP A 135 0.51 -4.73 4.09
C ASP A 135 1.66 -5.62 4.59
N TYR A 136 2.29 -5.14 5.67
CA TYR A 136 3.49 -5.71 6.27
C TYR A 136 3.15 -6.86 7.17
N ILE A 137 2.01 -6.79 7.84
CA ILE A 137 1.67 -7.72 8.94
C ILE A 137 0.57 -8.72 8.63
N GLU A 138 -0.02 -8.62 7.43
CA GLU A 138 -1.12 -9.53 7.01
C GLU A 138 -0.72 -11.01 7.20
N HIS A 139 -1.71 -11.84 7.54
CA HIS A 139 -1.51 -13.17 8.14
C HIS A 139 -0.72 -14.19 7.30
N ASN A 140 -0.69 -14.01 5.98
CA ASN A 140 0.10 -14.87 5.09
C ASN A 140 1.61 -14.57 5.09
N ARG A 141 2.05 -13.37 5.48
CA ARG A 141 3.50 -13.07 5.53
C ARG A 141 4.17 -13.90 6.66
N ALA A 142 5.40 -14.32 6.46
CA ALA A 142 6.12 -15.05 7.50
C ALA A 142 7.61 -14.68 7.53
N PHE A 143 7.98 -13.51 7.01
CA PHE A 143 9.37 -13.04 7.11
C PHE A 143 9.83 -13.02 8.60
N PRO A 144 11.14 -13.24 8.87
CA PRO A 144 11.61 -13.18 10.27
C PRO A 144 11.44 -11.76 10.82
N GLY A 145 10.80 -11.67 11.98
CA GLY A 145 10.55 -10.37 12.58
C GLY A 145 9.12 -9.89 12.40
N VAL A 146 8.31 -10.63 11.62
CA VAL A 146 6.89 -10.29 11.42
C VAL A 146 6.15 -10.32 12.75
N ASP A 147 6.58 -11.19 13.66
CA ASP A 147 5.99 -11.24 15.01
C ASP A 147 6.23 -9.94 15.80
N VAL A 148 7.38 -9.30 15.56
CA VAL A 148 7.73 -8.05 16.28
C VAL A 148 6.85 -6.94 15.71
N ALA A 149 6.80 -6.82 14.38
CA ALA A 149 5.82 -5.95 13.68
C ALA A 149 4.40 -6.09 14.19
N ARG A 150 3.93 -7.34 14.32
CA ARG A 150 2.57 -7.61 14.83
C ARG A 150 2.33 -7.10 16.24
N GLU A 151 3.27 -7.38 17.15
CA GLU A 151 3.18 -6.88 18.53
C GLU A 151 3.15 -5.34 18.56
N ILE A 152 4.06 -4.70 17.81
CA ILE A 152 4.11 -3.22 17.75
C ILE A 152 2.79 -2.65 17.18
N ALA A 153 2.24 -3.28 16.14
CA ALA A 153 0.99 -2.80 15.51
C ALA A 153 -0.25 -2.99 16.42
N SER A 154 -0.19 -3.98 17.33
CA SER A 154 -1.20 -4.13 18.38
C SER A 154 -1.24 -2.94 19.38
N LEU A 155 -0.14 -2.19 19.51
CA LEU A 155 -0.01 -1.11 20.51
C LEU A 155 0.06 0.29 19.92
N SER A 156 0.75 0.46 18.78
CA SER A 156 0.97 1.81 18.22
C SER A 156 1.15 1.76 16.70
N LEU A 157 0.32 2.54 16.00
CA LEU A 157 0.29 2.58 14.55
C LEU A 157 1.53 3.35 14.07
N ASN A 158 1.84 4.45 14.76
CA ASN A 158 3.01 5.27 14.50
C ASN A 158 4.30 4.51 14.66
N LYS A 159 4.42 3.75 15.75
CA LYS A 159 5.60 2.93 15.96
C LYS A 159 5.69 1.79 14.94
N ALA A 160 4.55 1.25 14.53
CA ALA A 160 4.52 0.20 13.51
C ALA A 160 5.04 0.76 12.16
N VAL A 161 4.66 1.99 11.84
CA VAL A 161 5.11 2.66 10.61
C VAL A 161 6.64 2.83 10.67
N ALA A 162 7.13 3.28 11.83
CA ALA A 162 8.53 3.58 12.10
C ALA A 162 9.39 2.33 11.96
N TYR A 163 8.92 1.24 12.56
CA TYR A 163 9.60 -0.03 12.53
C TYR A 163 9.66 -0.62 11.11
N GLU A 164 8.51 -0.68 10.42
CA GLU A 164 8.45 -1.19 9.05
C GLU A 164 9.42 -0.42 8.15
N THR A 165 9.43 0.92 8.26
CA THR A 165 10.24 1.79 7.40
C THR A 165 11.73 1.62 7.69
N ALA A 166 12.08 1.51 8.98
CA ALA A 166 13.46 1.27 9.36
C ALA A 166 13.94 -0.07 8.77
N ARG A 167 13.16 -1.14 8.89
CA ARG A 167 13.54 -2.46 8.32
C ARG A 167 13.64 -2.41 6.78
N THR A 168 12.75 -1.70 6.08
CA THR A 168 12.83 -1.51 4.60
C THR A 168 14.10 -0.74 4.17
N VAL A 169 14.35 0.41 4.81
CA VAL A 169 15.57 1.14 4.50
C VAL A 169 16.77 0.24 4.73
N GLU A 170 16.78 -0.47 5.86
CA GLU A 170 17.90 -1.39 6.21
C GLU A 170 18.09 -2.51 5.17
N TYR A 171 16.99 -3.16 4.81
CA TYR A 171 17.03 -4.21 3.78
C TYR A 171 17.45 -3.65 2.40
N LEU A 172 16.92 -2.51 1.97
CA LEU A 172 17.31 -1.97 0.67
C LEU A 172 18.82 -1.71 0.63
N ALA A 173 19.37 -1.12 1.69
CA ALA A 173 20.80 -0.84 1.76
C ALA A 173 21.60 -2.13 1.87
N HIS A 174 21.06 -3.11 2.59
CA HIS A 174 21.72 -4.39 2.76
C HIS A 174 21.87 -5.07 1.38
N GLN A 175 20.85 -4.91 0.51
CA GLN A 175 20.76 -5.56 -0.80
C GLN A 175 21.46 -4.80 -1.90
N GLY A 176 21.74 -3.52 -1.64
CA GLY A 176 22.33 -2.60 -2.58
C GLY A 176 21.33 -2.10 -3.61
N PHE A 177 20.06 -1.90 -3.24
CA PHE A 177 19.02 -1.37 -4.15
C PHE A 177 18.85 0.13 -3.95
N PRO A 178 18.51 0.89 -5.03
CA PRO A 178 18.22 2.32 -4.83
C PRO A 178 17.01 2.50 -3.91
N ILE A 179 17.00 3.62 -3.20
CA ILE A 179 15.96 3.93 -2.23
C ILE A 179 15.26 5.20 -2.69
N TYR A 180 13.99 5.05 -3.06
CA TYR A 180 13.19 6.17 -3.49
C TYR A 180 13.21 7.25 -2.39
N PRO A 181 13.59 8.50 -2.74
CA PRO A 181 13.78 9.52 -1.70
C PRO A 181 12.54 9.80 -0.81
N GLN A 182 11.32 9.60 -1.30
CA GLN A 182 10.14 9.72 -0.45
C GLN A 182 10.14 8.73 0.72
N THR A 183 10.71 7.54 0.52
CA THR A 183 10.87 6.58 1.63
C THR A 183 11.71 7.13 2.77
N LEU A 184 12.78 7.84 2.46
CA LEU A 184 13.58 8.48 3.51
C LEU A 184 12.82 9.57 4.27
N GLU A 185 11.98 10.31 3.54
CA GLU A 185 11.09 11.30 4.11
C GLU A 185 10.26 10.64 5.23
N THR A 186 9.65 9.49 4.90
CA THR A 186 8.86 8.69 5.85
C THR A 186 9.73 8.28 7.04
N TYR A 187 10.89 7.70 6.71
CA TYR A 187 11.82 7.17 7.71
C TYR A 187 12.17 8.25 8.76
N ASN A 188 12.54 9.43 8.26
CA ASN A 188 13.02 10.51 9.12
C ASN A 188 11.87 11.17 9.90
N ALA A 189 10.65 11.14 9.35
CA ALA A 189 9.46 11.66 10.07
C ALA A 189 9.04 10.72 11.20
N PHE A 190 9.19 9.42 11.00
CA PHE A 190 8.66 8.42 11.93
C PHE A 190 9.66 7.82 12.91
N VAL A 191 10.94 8.01 12.62
CA VAL A 191 11.99 7.27 13.33
C VAL A 191 12.04 7.54 14.83
N HIS A 192 11.79 8.79 15.25
CA HIS A 192 11.65 9.13 16.69
C HIS A 192 10.70 8.15 17.50
N TYR A 193 9.65 7.63 16.83
CA TYR A 193 8.69 6.69 17.46
C TYR A 193 9.29 5.36 17.95
N LEU A 194 10.46 5.00 17.44
CA LEU A 194 11.13 3.79 17.85
C LEU A 194 11.57 3.81 19.29
N LYS A 195 11.76 5.00 19.85
CA LYS A 195 12.19 5.15 21.24
C LYS A 195 11.07 4.85 22.25
#